data_4COQ
#
_entry.id   4COQ
#
_cell.length_a   83.050
_cell.length_b   115.360
_cell.length_c   65.540
_cell.angle_alpha   90.00
_cell.angle_beta   90.00
_cell.angle_gamma   90.00
#
_symmetry.space_group_name_H-M   'P 21 21 2'
#
loop_
_entity.id
_entity.type
_entity.pdbx_description
1 polymer 'CARBONATE DEHYDRATASE'
2 non-polymer 'ZINC ION'
3 non-polymer SULFANILAMIDE
4 non-polymer 1-(2-METHOXY-ETHOXY)-2-{2-[2-(2-METHOXY-ETHOXY]-ETHOXY}-ETHANE
5 non-polymer 'TETRAETHYLENE GLYCOL'
6 non-polymer 'TRIETHYLENE GLYCOL'
7 non-polymer 'CHLORIDE ION'
8 water water
#
_entity_poly.entity_id   1
_entity_poly.type   'polypeptide(L)'
_entity_poly.pdbx_seq_one_letter_code
;MKRVLVTLGAVAALATGAVAGGGAHWGYSGSIGPEHWGDLSPEYLMCKIGKNQSPIDINSADAVKACLAPVSVYYVSDAK
YVVNNGHTIKVVMGGRGYVVVDGKRFYLKQFHFHAPSEHTVNGKHYPFEAHFVHLDKNGNITVLGVFFKVGKENPELEKV
WRVMPEEPGQKRHLTARIDPEKLLPENRDYYRYSGSLTTPPCSEGVRWIVFKEPVEMSREQLEKFRKVMGFDNNRPVQPL
NARKVMK
;
_entity_poly.pdbx_strand_id   A,B
#
loop_
_chem_comp.id
_chem_comp.type
_chem_comp.name
_chem_comp.formula
CL non-polymer 'CHLORIDE ION' 'Cl -1'
PG4 non-polymer 'TETRAETHYLENE GLYCOL' 'C8 H18 O5'
PG6 non-polymer 1-(2-METHOXY-ETHOXY)-2-{2-[2-(2-METHOXY-ETHOXY]-ETHOXY}-ETHANE 'C12 H26 O6'
PGE non-polymer 'TRIETHYLENE GLYCOL' 'C6 H14 O4'
SAN non-polymer SULFANILAMIDE 'C6 H8 N2 O2 S'
ZN non-polymer 'ZINC ION' 'Zn 2'
#
# COMPACT_ATOMS: atom_id res chain seq x y z
N GLY A 23 9.93 39.42 13.17
CA GLY A 23 11.12 38.53 13.30
C GLY A 23 12.39 39.18 12.81
N ALA A 24 13.48 38.92 13.52
CA ALA A 24 14.78 39.52 13.23
C ALA A 24 15.43 39.05 11.91
N HIS A 25 16.37 39.83 11.41
CA HIS A 25 17.17 39.45 10.25
CA HIS A 25 17.17 39.44 10.24
C HIS A 25 18.03 38.21 10.57
N TRP A 26 18.04 37.24 9.66
CA TRP A 26 18.84 36.03 9.86
C TRP A 26 19.55 35.70 8.56
N GLY A 27 20.54 34.81 8.60
CA GLY A 27 21.28 34.43 7.41
C GLY A 27 21.96 33.11 7.54
N TYR A 28 23.03 32.92 6.75
CA TYR A 28 23.74 31.65 6.72
C TYR A 28 25.24 31.73 7.10
N SER A 29 25.65 32.85 7.67
CA SER A 29 27.00 32.94 8.22
C SER A 29 27.09 34.01 9.29
N GLY A 30 28.24 34.06 9.95
CA GLY A 30 28.48 35.02 11.02
C GLY A 30 27.52 34.83 12.17
N SER A 31 27.22 35.93 12.85
CA SER A 31 26.42 35.94 14.05
C SER A 31 24.94 35.86 13.78
N ILE A 32 24.57 35.75 12.50
CA ILE A 32 23.16 35.55 12.18
C ILE A 32 22.92 34.19 11.51
N GLY A 33 23.96 33.34 11.52
CA GLY A 33 23.90 31.99 10.91
C GLY A 33 23.07 31.01 11.72
N PRO A 34 22.90 29.79 11.19
CA PRO A 34 21.96 28.82 11.72
C PRO A 34 22.09 28.48 13.22
N GLU A 35 23.29 28.48 13.77
CA GLU A 35 23.49 28.19 15.21
CA GLU A 35 23.45 28.18 15.20
C GLU A 35 22.93 29.31 16.10
N HIS A 36 22.89 30.52 15.56
CA HIS A 36 22.41 31.67 16.32
C HIS A 36 20.93 31.95 16.16
N TRP A 37 20.27 31.23 15.24
CA TRP A 37 18.90 31.58 14.91
C TRP A 37 17.96 31.63 16.12
N GLY A 38 18.05 30.64 17.01
CA GLY A 38 17.01 30.49 18.04
C GLY A 38 17.02 31.63 19.04
N ASP A 39 18.15 32.34 19.07
CA ASP A 39 18.34 33.45 20.02
C ASP A 39 18.10 34.84 19.44
N LEU A 40 17.87 34.91 18.13
CA LEU A 40 17.71 36.21 17.46
C LEU A 40 16.38 36.88 17.79
N SER A 41 15.39 36.06 18.11
CA SER A 41 14.04 36.50 18.43
CA SER A 41 14.04 36.50 18.42
C SER A 41 13.34 35.40 19.21
N PRO A 42 12.47 35.79 20.18
CA PRO A 42 11.73 34.76 20.90
C PRO A 42 10.89 33.92 19.95
N GLU A 43 10.51 34.51 18.81
CA GLU A 43 9.69 33.84 17.79
CA GLU A 43 9.68 33.82 17.82
C GLU A 43 10.43 32.66 17.17
N TYR A 44 11.76 32.72 17.22
CA TYR A 44 12.62 31.67 16.61
C TYR A 44 13.09 30.60 17.61
N LEU A 45 12.47 30.50 18.79
CA LEU A 45 12.97 29.62 19.83
C LEU A 45 13.04 28.14 19.40
N MET A 46 12.14 27.72 18.53
CA MET A 46 12.09 26.32 18.13
CA MET A 46 12.09 26.31 18.12
C MET A 46 13.35 25.90 17.39
N CYS A 47 14.00 26.86 16.70
CA CYS A 47 15.26 26.57 16.00
CA CYS A 47 15.24 26.57 16.01
C CYS A 47 16.22 25.91 16.97
N LYS A 48 16.21 26.37 18.23
CA LYS A 48 17.10 25.88 19.27
CA LYS A 48 17.12 25.84 19.25
C LYS A 48 16.55 24.73 20.14
N ILE A 49 15.25 24.79 20.48
CA ILE A 49 14.70 23.84 21.46
C ILE A 49 13.93 22.67 20.86
N GLY A 50 13.63 22.75 19.58
CA GLY A 50 12.83 21.70 18.95
C GLY A 50 13.59 20.40 18.85
N LYS A 51 12.84 19.31 18.94
CA LYS A 51 13.46 17.99 18.86
CA LYS A 51 13.40 17.97 18.90
C LYS A 51 12.96 17.23 17.65
N ASN A 52 12.21 17.92 16.77
CA ASN A 52 11.71 17.33 15.52
C ASN A 52 12.00 18.30 14.37
N GLN A 53 13.26 18.70 14.30
CA GLN A 53 13.73 19.70 13.33
C GLN A 53 14.20 19.10 12.03
N SER A 54 14.21 19.93 10.99
CA SER A 54 14.70 19.58 9.66
C SER A 54 15.81 20.55 9.25
N PRO A 55 16.66 20.15 8.32
CA PRO A 55 16.73 18.87 7.61
C PRO A 55 17.43 17.84 8.46
N ILE A 56 17.54 16.61 7.93
CA ILE A 56 18.16 15.52 8.64
C ILE A 56 19.05 14.76 7.66
N ASP A 57 19.93 13.93 8.22
CA ASP A 57 20.56 12.88 7.43
C ASP A 57 19.63 11.70 7.33
N ILE A 58 19.42 11.21 6.11
CA ILE A 58 18.58 10.06 5.88
C ILE A 58 19.50 8.88 5.68
N ASN A 59 19.61 8.04 6.71
CA ASN A 59 20.40 6.84 6.60
C ASN A 59 19.45 5.76 6.08
N SER A 60 19.73 5.27 4.88
CA SER A 60 18.77 4.43 4.18
C SER A 60 18.61 3.10 4.91
N ALA A 61 19.70 2.58 5.45
CA ALA A 61 19.66 1.31 6.17
C ALA A 61 18.81 1.39 7.45
N ASP A 62 18.84 2.55 8.11
CA ASP A 62 18.10 2.82 9.32
C ASP A 62 16.64 3.19 9.07
N ALA A 63 16.32 3.65 7.87
CA ALA A 63 14.93 4.01 7.57
C ALA A 63 14.10 2.72 7.61
N VAL A 64 12.83 2.87 8.00
CA VAL A 64 11.94 1.72 8.19
CA VAL A 64 11.94 1.72 8.19
C VAL A 64 11.09 1.50 6.94
N LYS A 65 11.18 0.30 6.36
CA LYS A 65 10.33 -0.07 5.27
CA LYS A 65 10.31 -0.03 5.26
C LYS A 65 8.87 0.03 5.72
N ALA A 66 8.06 0.75 4.94
CA ALA A 66 6.70 1.06 5.32
C ALA A 66 5.76 1.16 4.13
N CYS A 67 4.49 0.89 4.37
CA CYS A 67 3.48 0.86 3.32
CA CYS A 67 3.44 0.86 3.35
C CYS A 67 2.95 2.27 3.05
N LEU A 68 3.82 3.08 2.47
CA LEU A 68 3.55 4.50 2.21
C LEU A 68 2.68 4.64 0.99
N ALA A 69 1.65 5.48 1.11
CA ALA A 69 0.71 5.74 0.01
C ALA A 69 1.39 6.51 -1.10
N PRO A 70 1.01 6.27 -2.37
CA PRO A 70 1.57 7.13 -3.40
C PRO A 70 1.15 8.59 -3.14
N VAL A 71 2.05 9.53 -3.44
CA VAL A 71 1.72 10.95 -3.27
C VAL A 71 1.36 11.43 -4.68
N SER A 72 0.06 11.56 -4.92
CA SER A 72 -0.45 11.97 -6.23
CA SER A 72 -0.41 11.96 -6.24
C SER A 72 -0.25 13.46 -6.42
N VAL A 73 0.16 13.82 -7.63
CA VAL A 73 0.50 15.21 -7.95
C VAL A 73 -0.51 15.73 -8.97
N TYR A 74 -1.13 16.88 -8.66
CA TYR A 74 -2.10 17.52 -9.55
C TYR A 74 -1.74 18.99 -9.70
N TYR A 75 -0.56 19.24 -10.28
CA TYR A 75 -0.08 20.61 -10.42
C TYR A 75 -0.69 21.28 -11.64
N VAL A 76 -0.72 22.61 -11.60
CA VAL A 76 -1.11 23.41 -12.73
C VAL A 76 -0.06 24.49 -12.98
N SER A 77 -0.11 25.06 -14.17
CA SER A 77 0.82 26.12 -14.55
CA SER A 77 0.82 26.12 -14.54
C SER A 77 0.29 27.47 -14.06
N ASP A 78 0.51 27.75 -12.78
CA ASP A 78 0.07 29.04 -12.23
C ASP A 78 1.20 29.81 -11.55
N ALA A 79 2.41 29.76 -12.12
CA ALA A 79 3.52 30.57 -11.62
C ALA A 79 3.17 32.07 -11.75
N LYS A 80 3.44 32.82 -10.70
CA LYS A 80 3.21 34.27 -10.66
CA LYS A 80 3.21 34.26 -10.68
C LYS A 80 4.48 35.10 -10.95
N TYR A 81 5.57 34.75 -10.25
CA TYR A 81 6.84 35.43 -10.43
C TYR A 81 7.95 34.65 -9.77
N VAL A 82 9.18 35.04 -10.11
CA VAL A 82 10.39 34.55 -9.44
CA VAL A 82 10.34 34.53 -9.41
C VAL A 82 10.95 35.68 -8.60
N VAL A 83 11.33 35.35 -7.37
CA VAL A 83 11.84 36.39 -6.46
C VAL A 83 13.18 35.95 -5.89
N ASN A 84 14.11 36.90 -5.80
CA ASN A 84 15.33 36.72 -5.01
C ASN A 84 15.08 37.40 -3.71
N ASN A 85 14.90 36.64 -2.64
CA ASN A 85 14.59 37.26 -1.35
C ASN A 85 15.79 37.33 -0.40
N GLY A 86 16.98 37.13 -0.96
CA GLY A 86 18.22 37.15 -0.19
C GLY A 86 18.55 35.86 0.54
N HIS A 87 17.58 34.95 0.62
CA HIS A 87 17.78 33.65 1.29
C HIS A 87 17.72 32.49 0.29
N THR A 88 17.04 32.72 -0.83
CA THR A 88 16.84 31.70 -1.87
C THR A 88 16.34 32.39 -3.13
N ILE A 89 16.20 31.60 -4.19
CA ILE A 89 15.46 31.98 -5.38
C ILE A 89 14.18 31.17 -5.29
N LYS A 90 13.05 31.86 -5.38
CA LYS A 90 11.77 31.26 -5.11
C LYS A 90 10.80 31.58 -6.23
N VAL A 91 10.09 30.55 -6.70
CA VAL A 91 9.01 30.76 -7.67
C VAL A 91 7.69 30.72 -6.91
N VAL A 92 6.97 31.85 -6.92
CA VAL A 92 5.70 31.93 -6.19
C VAL A 92 4.57 31.50 -7.13
N MET A 93 3.70 30.62 -6.65
CA MET A 93 2.61 30.07 -7.43
C MET A 93 1.27 30.65 -6.99
N GLY A 94 0.23 30.41 -7.80
CA GLY A 94 -1.13 30.87 -7.50
C GLY A 94 -1.87 30.00 -6.49
N GLY A 95 -1.30 28.85 -6.13
CA GLY A 95 -1.89 27.96 -5.13
C GLY A 95 -3.05 27.10 -5.58
N ARG A 96 -3.18 26.89 -6.90
CA ARG A 96 -4.30 26.13 -7.46
CA ARG A 96 -4.30 26.12 -7.43
C ARG A 96 -3.93 24.66 -7.64
N GLY A 97 -2.65 24.37 -7.83
CA GLY A 97 -2.22 22.97 -7.98
C GLY A 97 -2.01 22.37 -6.59
N TYR A 98 -1.98 21.05 -6.51
CA TYR A 98 -1.90 20.41 -5.19
C TYR A 98 -1.35 19.01 -5.29
N VAL A 99 -0.91 18.50 -4.12
CA VAL A 99 -0.60 17.09 -3.96
C VAL A 99 -1.55 16.50 -2.92
N VAL A 100 -1.69 15.17 -2.98
CA VAL A 100 -2.52 14.47 -2.01
C VAL A 100 -1.63 13.70 -1.03
N VAL A 101 -1.75 14.07 0.24
CA VAL A 101 -1.01 13.44 1.33
C VAL A 101 -2.00 13.20 2.46
N ASP A 102 -1.99 11.99 3.01
CA ASP A 102 -2.89 11.66 4.12
C ASP A 102 -4.35 11.94 3.73
N GLY A 103 -4.66 11.71 2.46
CA GLY A 103 -6.02 11.87 1.94
C GLY A 103 -6.51 13.30 1.82
N LYS A 104 -5.60 14.26 1.94
CA LYS A 104 -5.93 15.68 2.00
C LYS A 104 -5.20 16.40 0.87
N ARG A 105 -5.79 17.48 0.38
CA ARG A 105 -5.13 18.28 -0.65
C ARG A 105 -4.24 19.35 -0.04
N PHE A 106 -2.95 19.33 -0.43
CA PHE A 106 -2.02 20.37 0.03
C PHE A 106 -1.63 21.17 -1.22
N TYR A 107 -1.90 22.48 -1.16
CA TYR A 107 -1.84 23.31 -2.37
C TYR A 107 -0.46 23.92 -2.53
N LEU A 108 0.08 23.86 -3.75
CA LEU A 108 1.46 24.32 -4.02
C LEU A 108 1.50 25.85 -4.03
N LYS A 109 2.16 26.42 -3.03
CA LYS A 109 2.23 27.88 -2.88
CA LYS A 109 2.22 27.88 -2.90
C LYS A 109 3.48 28.47 -3.53
N GLN A 110 4.58 27.72 -3.47
CA GLN A 110 5.86 28.20 -3.98
C GLN A 110 6.85 27.05 -4.01
N PHE A 111 7.90 27.20 -4.81
CA PHE A 111 9.02 26.31 -4.70
C PHE A 111 10.31 27.10 -4.73
N HIS A 112 11.32 26.59 -4.04
CA HIS A 112 12.61 27.30 -3.98
C HIS A 112 13.78 26.34 -3.80
N PHE A 113 14.99 26.88 -3.71
CA PHE A 113 16.19 26.07 -3.90
C PHE A 113 17.27 26.29 -2.86
N HIS A 114 18.04 25.24 -2.66
CA HIS A 114 19.20 25.32 -1.78
C HIS A 114 20.38 24.63 -2.40
N ALA A 115 21.56 25.18 -2.14
CA ALA A 115 22.82 24.57 -2.52
C ALA A 115 23.83 24.83 -1.40
N PRO A 116 24.55 23.79 -0.95
CA PRO A 116 24.37 22.37 -1.26
C PRO A 116 23.02 21.90 -0.71
N SER A 117 22.72 20.63 -0.87
CA SER A 117 21.45 20.11 -0.34
C SER A 117 21.35 20.28 1.17
N GLU A 118 20.11 20.46 1.64
CA GLU A 118 19.84 20.49 3.06
C GLU A 118 19.82 19.09 3.69
N HIS A 119 19.00 18.22 3.12
CA HIS A 119 19.06 16.81 3.49
C HIS A 119 20.30 16.14 2.95
N THR A 120 20.82 15.19 3.72
CA THR A 120 21.87 14.32 3.21
C THR A 120 21.33 12.89 3.16
N VAL A 121 21.95 12.07 2.34
CA VAL A 121 21.61 10.64 2.28
C VAL A 121 22.89 9.85 2.60
N ASN A 122 22.81 8.99 3.62
CA ASN A 122 23.99 8.26 4.10
C ASN A 122 25.21 9.14 4.25
N GLY A 123 24.97 10.34 4.80
CA GLY A 123 26.00 11.29 5.18
C GLY A 123 26.58 12.14 4.06
N LYS A 124 25.98 12.02 2.87
CA LYS A 124 26.48 12.71 1.68
CA LYS A 124 26.49 12.75 1.72
C LYS A 124 25.48 13.75 1.19
N HIS A 125 25.96 14.92 0.81
CA HIS A 125 25.12 15.92 0.19
C HIS A 125 24.94 15.67 -1.31
N TYR A 126 23.80 16.09 -1.83
CA TYR A 126 23.69 16.38 -3.24
C TYR A 126 24.05 17.85 -3.45
N PRO A 127 24.43 18.22 -4.69
CA PRO A 127 24.84 19.61 -4.88
C PRO A 127 23.73 20.65 -4.75
N PHE A 128 22.47 20.22 -4.87
CA PHE A 128 21.33 21.14 -4.99
C PHE A 128 20.05 20.40 -4.59
N GLU A 129 19.12 21.13 -3.98
CA GLU A 129 17.85 20.54 -3.58
C GLU A 129 16.75 21.56 -3.77
N ALA A 130 15.61 21.09 -4.28
CA ALA A 130 14.44 21.95 -4.48
C ALA A 130 13.40 21.56 -3.44
N HIS A 131 12.73 22.57 -2.92
CA HIS A 131 11.61 22.37 -1.98
C HIS A 131 10.33 22.93 -2.56
N PHE A 132 9.30 22.08 -2.62
CA PHE A 132 7.98 22.47 -3.13
C PHE A 132 7.07 22.55 -1.91
N VAL A 133 6.65 23.77 -1.58
CA VAL A 133 6.00 24.05 -0.31
C VAL A 133 4.48 24.14 -0.50
N HIS A 134 3.75 23.36 0.29
CA HIS A 134 2.29 23.22 0.12
C HIS A 134 1.56 23.49 1.43
N LEU A 135 0.36 24.05 1.34
CA LEU A 135 -0.47 24.29 2.51
CA LEU A 135 -0.47 24.27 2.52
C LEU A 135 -1.84 23.66 2.29
N ASP A 136 -2.35 22.96 3.30
CA ASP A 136 -3.73 22.49 3.21
C ASP A 136 -4.67 23.63 3.63
N LYS A 137 -5.98 23.39 3.52
CA LYS A 137 -6.98 24.44 3.84
C LYS A 137 -6.90 24.93 5.30
N ASN A 138 -6.31 24.13 6.19
CA ASN A 138 -6.14 24.53 7.58
C ASN A 138 -4.75 25.06 7.93
N GLY A 139 -3.91 25.27 6.92
CA GLY A 139 -2.57 25.84 7.11
C GLY A 139 -1.46 24.85 7.46
N ASN A 140 -1.77 23.55 7.44
CA ASN A 140 -0.72 22.55 7.64
C ASN A 140 0.20 22.49 6.44
N ILE A 141 1.50 22.38 6.70
CA ILE A 141 2.52 22.46 5.64
C ILE A 141 3.07 21.09 5.26
N THR A 142 3.16 20.84 3.95
CA THR A 142 3.87 19.67 3.43
C THR A 142 4.92 20.16 2.46
N VAL A 143 6.17 19.70 2.65
CA VAL A 143 7.25 20.05 1.73
C VAL A 143 7.66 18.79 0.97
N LEU A 144 7.72 18.91 -0.34
CA LEU A 144 8.28 17.84 -1.19
C LEU A 144 9.70 18.28 -1.54
N GLY A 145 10.67 17.40 -1.28
CA GLY A 145 12.06 17.70 -1.59
C GLY A 145 12.52 16.90 -2.78
N VAL A 146 13.22 17.57 -3.70
CA VAL A 146 13.79 16.90 -4.87
C VAL A 146 15.29 17.19 -4.86
N PHE A 147 16.09 16.12 -4.92
CA PHE A 147 17.53 16.24 -5.02
C PHE A 147 17.92 16.39 -6.48
N PHE A 148 18.98 17.16 -6.72
CA PHE A 148 19.55 17.30 -8.07
C PHE A 148 21.00 16.86 -8.07
N LYS A 149 21.40 16.18 -9.15
CA LYS A 149 22.78 15.86 -9.41
C LYS A 149 23.22 16.56 -10.68
N VAL A 150 24.53 16.69 -10.85
CA VAL A 150 25.09 17.31 -12.06
C VAL A 150 24.99 16.34 -13.25
N GLY A 151 24.50 16.85 -14.37
CA GLY A 151 24.25 16.04 -15.54
C GLY A 151 23.83 16.95 -16.66
N LYS A 152 22.76 16.56 -17.33
CA LYS A 152 22.26 17.36 -18.44
CA LYS A 152 22.21 17.33 -18.44
C LYS A 152 21.51 18.59 -17.96
N GLU A 153 21.60 19.67 -18.74
N GLU A 153 21.57 19.64 -18.78
CA GLU A 153 20.83 20.89 -18.48
CA GLU A 153 20.78 20.86 -18.62
C GLU A 153 19.36 20.56 -18.28
C GLU A 153 19.32 20.54 -18.30
N ASN A 154 18.78 21.16 -17.27
CA ASN A 154 17.39 20.89 -16.92
C ASN A 154 16.48 21.91 -17.63
N PRO A 155 15.65 21.45 -18.56
CA PRO A 155 14.84 22.36 -19.38
C PRO A 155 13.85 23.21 -18.58
N GLU A 156 13.23 22.61 -17.56
CA GLU A 156 12.24 23.33 -16.81
C GLU A 156 12.92 24.35 -15.93
N LEU A 157 14.01 23.95 -15.30
CA LEU A 157 14.78 24.88 -14.46
C LEU A 157 15.29 26.04 -15.31
N GLU A 158 15.65 25.76 -16.55
CA GLU A 158 16.16 26.79 -17.44
C GLU A 158 15.15 27.94 -17.64
N LYS A 159 13.86 27.62 -17.63
CA LYS A 159 12.84 28.67 -17.74
C LYS A 159 12.89 29.64 -16.56
N VAL A 160 13.12 29.11 -15.36
CA VAL A 160 13.21 29.96 -14.17
C VAL A 160 14.53 30.74 -14.20
N TRP A 161 15.60 30.04 -14.57
CA TRP A 161 16.94 30.63 -14.52
C TRP A 161 17.08 31.83 -15.46
N ARG A 162 16.35 31.79 -16.58
CA ARG A 162 16.39 32.87 -17.58
C ARG A 162 15.90 34.21 -17.02
N VAL A 163 15.12 34.17 -15.94
CA VAL A 163 14.61 35.40 -15.30
C VAL A 163 15.03 35.48 -13.82
N MET A 164 16.10 34.77 -13.45
CA MET A 164 16.55 34.77 -12.04
C MET A 164 16.95 36.18 -11.64
N PRO A 165 16.30 36.76 -10.63
CA PRO A 165 16.69 38.12 -10.25
C PRO A 165 18.04 38.06 -9.55
N GLU A 166 18.93 38.93 -9.99
CA GLU A 166 20.28 38.93 -9.46
CA GLU A 166 20.31 38.98 -9.50
C GLU A 166 20.44 39.64 -8.13
N GLU A 167 19.47 40.46 -7.76
CA GLU A 167 19.54 41.28 -6.54
CA GLU A 167 19.54 41.28 -6.54
C GLU A 167 18.44 40.89 -5.54
N PRO A 168 18.79 40.74 -4.25
CA PRO A 168 17.75 40.49 -3.26
C PRO A 168 16.73 41.62 -3.21
N GLY A 169 15.46 41.26 -3.09
CA GLY A 169 14.38 42.25 -3.01
C GLY A 169 13.75 42.51 -4.37
N GLN A 170 14.11 41.73 -5.38
CA GLN A 170 13.54 41.90 -6.72
C GLN A 170 12.74 40.68 -7.16
N LYS A 171 11.55 40.97 -7.71
CA LYS A 171 10.70 39.98 -8.39
CA LYS A 171 10.70 39.97 -8.38
C LYS A 171 10.83 40.15 -9.89
N ARG A 172 10.78 39.04 -10.64
CA ARG A 172 10.71 39.14 -12.09
C ARG A 172 9.59 38.26 -12.62
N HIS A 173 8.90 38.74 -13.66
CA HIS A 173 7.86 37.92 -14.28
C HIS A 173 8.48 36.82 -15.11
N LEU A 174 7.76 35.71 -15.20
CA LEU A 174 8.20 34.60 -16.05
C LEU A 174 7.96 34.94 -17.52
N THR A 175 8.81 34.42 -18.39
CA THR A 175 8.65 34.61 -19.80
C THR A 175 8.26 33.32 -20.50
N ALA A 176 8.30 32.23 -19.75
CA ALA A 176 7.85 30.95 -20.30
C ALA A 176 6.84 30.32 -19.33
N ARG A 177 6.00 29.42 -19.84
CA ARG A 177 5.04 28.73 -18.99
CA ARG A 177 5.04 28.74 -18.98
C ARG A 177 5.78 27.71 -18.13
N ILE A 178 5.59 27.79 -16.81
CA ILE A 178 6.24 26.87 -15.87
C ILE A 178 5.31 25.70 -15.60
N ASP A 179 5.82 24.49 -15.79
CA ASP A 179 5.10 23.26 -15.48
CA ASP A 179 5.08 23.27 -15.44
C ASP A 179 5.82 22.59 -14.31
N PRO A 180 5.37 22.84 -13.07
CA PRO A 180 6.23 22.41 -11.97
C PRO A 180 6.43 20.90 -11.86
N GLU A 181 5.47 20.13 -12.35
CA GLU A 181 5.61 18.69 -12.25
CA GLU A 181 5.56 18.67 -12.31
C GLU A 181 6.79 18.18 -13.07
N LYS A 182 7.20 18.92 -14.10
CA LYS A 182 8.36 18.53 -14.89
C LYS A 182 9.70 18.60 -14.13
N LEU A 183 9.71 19.24 -12.97
CA LEU A 183 10.90 19.25 -12.11
C LEU A 183 11.03 18.02 -11.21
N LEU A 184 9.95 17.27 -11.01
CA LEU A 184 9.97 16.11 -10.12
C LEU A 184 10.58 14.91 -10.83
N PRO A 185 11.14 13.97 -10.07
CA PRO A 185 11.69 12.78 -10.73
C PRO A 185 10.57 11.93 -11.31
N GLU A 186 10.89 11.06 -12.27
CA GLU A 186 9.88 10.20 -12.87
CA GLU A 186 9.87 10.21 -12.86
C GLU A 186 9.41 9.14 -11.86
N ASN A 187 10.37 8.54 -11.16
CA ASN A 187 10.04 7.59 -10.11
C ASN A 187 9.64 8.41 -8.88
N ARG A 188 8.50 8.06 -8.29
CA ARG A 188 7.88 8.89 -7.24
C ARG A 188 7.97 8.28 -5.84
N ASP A 189 8.84 7.29 -5.67
CA ASP A 189 9.08 6.70 -4.35
CA ASP A 189 9.02 6.73 -4.32
C ASP A 189 9.80 7.73 -3.46
N TYR A 190 9.53 7.67 -2.16
CA TYR A 190 10.01 8.74 -1.26
C TYR A 190 10.29 8.25 0.13
N TYR A 191 11.12 9.03 0.82
CA TYR A 191 11.26 8.97 2.27
C TYR A 191 10.26 9.93 2.89
N ARG A 192 9.66 9.52 4.02
CA ARG A 192 8.79 10.44 4.79
C ARG A 192 9.19 10.54 6.25
N TYR A 193 9.15 11.76 6.80
CA TYR A 193 9.34 11.96 8.23
C TYR A 193 8.66 13.24 8.60
N SER A 194 8.45 13.43 9.90
CA SER A 194 7.83 14.62 10.50
CA SER A 194 7.84 14.66 10.36
C SER A 194 8.91 15.57 10.95
N GLY A 195 8.84 16.82 10.53
CA GLY A 195 9.93 17.71 10.86
C GLY A 195 9.49 19.15 10.98
N SER A 196 10.32 20.03 10.41
CA SER A 196 10.15 21.47 10.66
C SER A 196 10.41 22.25 9.37
N LEU A 197 10.14 23.55 9.40
CA LEU A 197 10.68 24.40 8.34
C LEU A 197 12.18 24.51 8.55
N THR A 198 12.92 24.72 7.47
CA THR A 198 14.39 24.74 7.57
C THR A 198 14.97 26.14 7.71
N THR A 199 14.08 27.09 7.85
CA THR A 199 14.42 28.50 8.01
C THR A 199 13.58 29.07 9.12
N PRO A 200 14.08 30.12 9.81
CA PRO A 200 13.34 30.68 10.93
C PRO A 200 11.94 31.05 10.51
N PRO A 201 10.94 30.74 11.35
CA PRO A 201 11.01 30.33 12.78
C PRO A 201 11.15 28.82 13.04
N CYS A 202 11.43 28.04 12.00
CA CYS A 202 11.74 26.64 12.23
CA CYS A 202 11.65 26.59 12.11
C CYS A 202 10.53 25.89 12.86
N SER A 203 9.30 26.31 12.52
CA SER A 203 8.07 25.73 13.10
CA SER A 203 8.11 25.73 13.14
C SER A 203 8.00 24.24 12.81
N GLU A 204 7.52 23.49 13.79
CA GLU A 204 7.35 22.04 13.60
C GLU A 204 5.95 21.72 13.11
N GLY A 205 5.64 20.42 13.08
CA GLY A 205 4.38 20.01 12.47
C GLY A 205 4.40 19.99 10.94
N VAL A 206 5.59 19.85 10.33
CA VAL A 206 5.72 19.91 8.88
C VAL A 206 5.91 18.47 8.36
N ARG A 207 5.12 18.10 7.35
CA ARG A 207 5.26 16.80 6.69
C ARG A 207 6.36 16.92 5.64
N TRP A 208 7.35 16.01 5.68
CA TRP A 208 8.40 15.98 4.68
C TRP A 208 8.28 14.75 3.80
N ILE A 209 8.24 15.01 2.48
CA ILE A 209 8.20 13.94 1.46
CA ILE A 209 8.22 13.95 1.49
C ILE A 209 9.47 14.18 0.63
N VAL A 210 10.48 13.33 0.82
CA VAL A 210 11.75 13.53 0.10
C VAL A 210 11.90 12.43 -0.93
N PHE A 211 11.87 12.81 -2.21
CA PHE A 211 11.93 11.77 -3.26
C PHE A 211 13.32 11.12 -3.28
N LYS A 212 13.34 9.81 -3.53
CA LYS A 212 14.59 9.08 -3.48
C LYS A 212 15.47 9.27 -4.71
N GLU A 213 14.83 9.46 -5.86
CA GLU A 213 15.53 9.59 -7.14
CA GLU A 213 15.57 9.59 -7.12
C GLU A 213 15.88 11.05 -7.43
N PRO A 214 17.16 11.35 -7.67
CA PRO A 214 17.53 12.70 -8.05
C PRO A 214 17.20 13.03 -9.51
N VAL A 215 17.12 14.33 -9.80
CA VAL A 215 16.96 14.81 -11.18
C VAL A 215 18.27 15.54 -11.55
N GLU A 216 18.45 15.85 -12.83
CA GLU A 216 19.71 16.41 -13.32
C GLU A 216 19.63 17.90 -13.57
N MET A 217 20.75 18.58 -13.40
CA MET A 217 20.92 19.95 -13.83
C MET A 217 22.34 20.07 -14.34
N SER A 218 22.60 21.06 -15.18
CA SER A 218 23.97 21.23 -15.64
C SER A 218 24.85 21.88 -14.57
N ARG A 219 26.17 21.70 -14.69
CA ARG A 219 27.05 22.34 -13.72
C ARG A 219 26.92 23.86 -13.86
N GLU A 220 26.66 24.34 -15.08
CA GLU A 220 26.49 25.78 -15.30
C GLU A 220 25.23 26.33 -14.65
N GLN A 221 24.13 25.59 -14.70
CA GLN A 221 22.94 25.98 -13.95
C GLN A 221 23.24 26.04 -12.45
N LEU A 222 23.96 25.03 -11.96
CA LEU A 222 24.33 25.02 -10.54
C LEU A 222 25.16 26.24 -10.17
N GLU A 223 26.20 26.49 -10.96
CA GLU A 223 27.09 27.58 -10.67
CA GLU A 223 27.13 27.62 -10.80
C GLU A 223 26.39 28.94 -10.74
N LYS A 224 25.44 29.10 -11.66
CA LYS A 224 24.72 30.37 -11.71
C LYS A 224 23.99 30.62 -10.38
N PHE A 225 23.30 29.60 -9.88
CA PHE A 225 22.62 29.74 -8.60
C PHE A 225 23.61 30.06 -7.47
N ARG A 226 24.73 29.36 -7.44
CA ARG A 226 25.69 29.52 -6.34
C ARG A 226 26.21 30.97 -6.35
N LYS A 227 26.47 31.49 -7.55
CA LYS A 227 27.01 32.84 -7.69
CA LYS A 227 27.03 32.83 -7.69
C LYS A 227 26.00 33.93 -7.40
N VAL A 228 24.77 33.75 -7.87
CA VAL A 228 23.71 34.72 -7.55
C VAL A 228 23.47 34.77 -6.03
N MET A 229 23.38 33.61 -5.36
CA MET A 229 23.21 33.59 -3.91
CA MET A 229 23.22 33.56 -3.90
C MET A 229 24.42 34.20 -3.21
N GLY A 230 25.61 33.78 -3.64
CA GLY A 230 26.85 34.29 -3.08
C GLY A 230 27.33 33.56 -1.84
N PHE A 231 26.53 32.59 -1.36
CA PHE A 231 26.86 31.78 -0.19
C PHE A 231 26.02 30.50 -0.19
N ASP A 232 26.50 29.50 0.53
CA ASP A 232 25.73 28.27 0.81
C ASP A 232 24.48 28.65 1.61
N ASN A 233 23.32 28.10 1.23
CA ASN A 233 22.08 28.44 1.93
C ASN A 233 21.37 27.22 2.48
N ASN A 234 22.14 26.29 3.06
CA ASN A 234 21.58 25.11 3.70
C ASN A 234 21.78 25.14 5.20
N ARG A 235 20.69 24.82 5.92
CA ARG A 235 20.79 24.63 7.36
C ARG A 235 21.48 23.28 7.66
N PRO A 236 22.35 23.24 8.67
CA PRO A 236 22.96 21.96 9.06
C PRO A 236 21.91 20.90 9.43
N VAL A 237 22.20 19.63 9.12
CA VAL A 237 21.28 18.57 9.52
C VAL A 237 21.11 18.51 11.06
N GLN A 238 19.92 18.06 11.45
CA GLN A 238 19.49 18.08 12.85
C GLN A 238 19.28 16.66 13.33
N PRO A 239 19.43 16.43 14.66
CA PRO A 239 19.29 15.06 15.16
C PRO A 239 17.88 14.51 14.97
N LEU A 240 17.83 13.21 14.62
CA LEU A 240 16.57 12.52 14.47
CA LEU A 240 16.55 12.54 14.47
C LEU A 240 15.79 12.42 15.78
N ASN A 241 16.51 12.29 16.90
CA ASN A 241 15.91 12.09 18.22
C ASN A 241 14.97 10.90 18.26
N ALA A 242 13.70 11.10 18.57
CA ALA A 242 12.77 9.95 18.68
C ALA A 242 12.21 9.42 17.34
N ARG A 243 12.49 10.11 16.25
CA ARG A 243 11.83 9.86 14.97
C ARG A 243 12.43 8.69 14.21
N LYS A 244 11.61 8.06 13.39
CA LYS A 244 12.10 7.20 12.33
C LYS A 244 11.73 7.82 11.00
N VAL A 245 12.57 7.59 9.99
CA VAL A 245 12.25 7.89 8.63
C VAL A 245 11.64 6.66 8.02
N MET A 246 10.53 6.84 7.32
CA MET A 246 9.90 5.74 6.58
CA MET A 246 9.85 5.75 6.59
C MET A 246 10.33 5.74 5.14
N LYS A 247 10.49 4.53 4.58
CA LYS A 247 10.96 4.39 3.21
C LYS A 247 10.18 3.34 2.44
N GLY B 22 -15.80 -35.40 -15.74
CA GLY B 22 -15.07 -36.31 -16.68
C GLY B 22 -13.76 -36.82 -16.14
N GLY B 23 -13.38 -36.33 -14.95
CA GLY B 23 -12.17 -36.80 -14.26
C GLY B 23 -12.44 -38.04 -13.42
N ALA B 24 -11.39 -38.74 -13.03
CA ALA B 24 -11.50 -39.95 -12.22
C ALA B 24 -12.12 -39.71 -10.84
N HIS B 25 -12.90 -40.69 -10.36
CA HIS B 25 -13.61 -40.56 -9.09
C HIS B 25 -12.65 -40.49 -7.91
N TRP B 26 -12.92 -39.59 -6.96
CA TRP B 26 -12.07 -39.45 -5.77
C TRP B 26 -12.92 -39.14 -4.54
N GLY B 27 -12.29 -39.23 -3.37
CA GLY B 27 -12.99 -38.96 -2.10
C GLY B 27 -12.05 -38.63 -0.97
N TYR B 28 -12.57 -38.76 0.26
CA TYR B 28 -11.83 -38.36 1.44
C TYR B 28 -11.33 -39.49 2.34
N SER B 29 -11.55 -40.72 1.90
CA SER B 29 -11.10 -41.90 2.65
C SER B 29 -11.00 -43.13 1.77
N GLY B 30 -10.49 -44.21 2.36
CA GLY B 30 -10.32 -45.47 1.64
C GLY B 30 -9.30 -45.34 0.52
N SER B 31 -9.46 -46.19 -0.49
CA SER B 31 -8.55 -46.28 -1.62
C SER B 31 -8.62 -45.05 -2.53
N ILE B 32 -9.60 -44.18 -2.31
CA ILE B 32 -9.72 -42.98 -3.15
C ILE B 32 -9.45 -41.70 -2.34
N GLY B 33 -8.92 -41.88 -1.13
CA GLY B 33 -8.61 -40.73 -0.25
C GLY B 33 -7.37 -39.93 -0.66
N PRO B 34 -7.13 -38.82 0.04
CA PRO B 34 -6.12 -37.83 -0.34
C PRO B 34 -4.70 -38.37 -0.60
N GLU B 35 -4.26 -39.37 0.17
CA GLU B 35 -2.95 -39.98 -0.01
CA GLU B 35 -2.94 -39.97 -0.01
C GLU B 35 -2.82 -40.72 -1.34
N HIS B 36 -3.96 -41.09 -1.92
CA HIS B 36 -3.99 -41.83 -3.18
C HIS B 36 -4.36 -40.98 -4.41
N TRP B 37 -4.74 -39.72 -4.21
CA TRP B 37 -5.28 -38.94 -5.34
C TRP B 37 -4.35 -38.90 -6.56
N GLY B 38 -3.06 -38.76 -6.29
CA GLY B 38 -2.08 -38.64 -7.35
C GLY B 38 -1.94 -39.91 -8.20
N ASP B 39 -2.49 -41.03 -7.72
CA ASP B 39 -2.43 -42.31 -8.45
CA ASP B 39 -2.42 -42.30 -8.47
C ASP B 39 -3.75 -42.67 -9.11
N LEU B 40 -4.77 -41.87 -8.87
CA LEU B 40 -6.10 -42.15 -9.43
C LEU B 40 -6.22 -41.83 -10.93
N SER B 41 -5.40 -40.92 -11.43
CA SER B 41 -5.44 -40.50 -12.84
C SER B 41 -4.18 -39.75 -13.17
N PRO B 42 -3.66 -39.89 -14.41
CA PRO B 42 -2.53 -39.06 -14.82
C PRO B 42 -2.85 -37.57 -14.71
N GLU B 43 -4.14 -37.23 -14.80
CA GLU B 43 -4.54 -35.81 -14.68
C GLU B 43 -4.31 -35.25 -13.31
N TYR B 44 -4.18 -36.15 -12.32
CA TYR B 44 -4.03 -35.74 -10.92
C TYR B 44 -2.59 -35.74 -10.41
N LEU B 45 -1.63 -35.77 -11.33
N LEU B 45 -1.60 -35.77 -11.30
CA LEU B 45 -0.21 -35.87 -11.00
CA LEU B 45 -0.20 -35.94 -10.88
C LEU B 45 0.23 -34.86 -9.96
C LEU B 45 0.42 -34.76 -10.13
N MET B 46 -0.24 -33.61 -10.08
CA MET B 46 0.24 -32.57 -9.19
CA MET B 46 0.22 -32.55 -9.19
C MET B 46 -0.06 -32.86 -7.73
N CYS B 47 -1.07 -33.70 -7.46
CA CYS B 47 -1.41 -33.99 -6.08
CA CYS B 47 -1.42 -34.01 -6.09
C CYS B 47 -0.22 -34.64 -5.40
N LYS B 48 0.50 -35.48 -6.14
CA LYS B 48 1.63 -36.16 -5.56
CA LYS B 48 1.66 -36.24 -5.64
C LYS B 48 2.99 -35.51 -5.83
N ILE B 49 3.15 -34.80 -6.95
CA ILE B 49 4.46 -34.22 -7.24
C ILE B 49 4.58 -32.71 -6.97
N GLY B 50 3.45 -32.06 -6.73
CA GLY B 50 3.47 -30.60 -6.54
C GLY B 50 4.21 -30.17 -5.31
N LYS B 51 4.87 -29.01 -5.40
CA LYS B 51 5.60 -28.41 -4.27
C LYS B 51 4.95 -27.10 -3.87
N ASN B 52 3.81 -26.79 -4.49
CA ASN B 52 3.10 -25.55 -4.13
C ASN B 52 1.63 -25.89 -3.92
N GLN B 53 1.38 -26.86 -3.04
CA GLN B 53 0.04 -27.41 -2.82
C GLN B 53 -0.67 -26.72 -1.66
N SER B 54 -2.00 -26.84 -1.66
CA SER B 54 -2.88 -26.27 -0.63
C SER B 54 -3.72 -27.41 -0.10
N PRO B 55 -4.24 -27.30 1.13
CA PRO B 55 -4.10 -26.15 2.03
C PRO B 55 -2.78 -26.27 2.80
N ILE B 56 -2.46 -25.27 3.60
CA ILE B 56 -1.25 -25.27 4.41
C ILE B 56 -1.55 -24.89 5.85
N ASP B 57 -0.58 -25.14 6.75
CA ASP B 57 -0.59 -24.46 8.02
C ASP B 57 0.00 -23.08 7.85
N ILE B 58 -0.71 -22.09 8.37
CA ILE B 58 -0.24 -20.70 8.40
C ILE B 58 0.31 -20.42 9.79
N ASN B 59 1.64 -20.43 9.89
CA ASN B 59 2.29 -20.04 11.11
C ASN B 59 2.46 -18.53 11.05
N SER B 60 1.77 -17.81 11.94
CA SER B 60 1.72 -16.35 11.85
C SER B 60 3.08 -15.71 12.08
N ALA B 61 3.90 -16.30 12.96
CA ALA B 61 5.24 -15.77 13.17
C ALA B 61 6.17 -15.94 11.97
N ASP B 62 6.01 -17.04 11.22
CA ASP B 62 6.80 -17.32 10.05
C ASP B 62 6.33 -16.53 8.82
N ALA B 63 5.11 -16.01 8.87
CA ALA B 63 4.59 -15.25 7.73
C ALA B 63 5.32 -13.93 7.65
N VAL B 64 5.40 -13.34 6.46
CA VAL B 64 6.15 -12.10 6.25
CA VAL B 64 6.15 -12.11 6.33
C VAL B 64 5.20 -10.91 6.23
N LYS B 65 5.39 -9.96 7.16
CA LYS B 65 4.63 -8.73 7.09
CA LYS B 65 4.65 -8.69 7.10
C LYS B 65 4.94 -8.01 5.78
N ALA B 66 3.89 -7.65 5.04
CA ALA B 66 4.04 -7.16 3.68
C ALA B 66 2.96 -6.16 3.29
N CYS B 67 3.28 -5.33 2.31
CA CYS B 67 2.36 -4.29 1.84
CA CYS B 67 2.39 -4.29 1.81
C CYS B 67 1.31 -4.82 0.87
N LEU B 68 0.45 -5.69 1.39
CA LEU B 68 -0.60 -6.34 0.60
C LEU B 68 -1.72 -5.34 0.26
N ALA B 69 -2.12 -5.29 -1.01
CA ALA B 69 -3.19 -4.39 -1.44
C ALA B 69 -4.54 -4.85 -0.92
N PRO B 70 -5.41 -3.92 -0.54
CA PRO B 70 -6.78 -4.33 -0.23
C PRO B 70 -7.43 -5.14 -1.37
N VAL B 71 -8.16 -6.19 -1.01
CA VAL B 71 -8.88 -6.99 -1.99
C VAL B 71 -10.32 -6.47 -2.06
N SER B 72 -10.56 -5.64 -3.07
CA SER B 72 -11.86 -4.98 -3.26
C SER B 72 -12.90 -6.00 -3.69
N VAL B 73 -14.08 -5.92 -3.07
CA VAL B 73 -15.18 -6.87 -3.33
C VAL B 73 -16.34 -6.17 -4.03
N TYR B 74 -16.74 -6.70 -5.18
CA TYR B 74 -17.84 -6.14 -5.99
C TYR B 74 -18.78 -7.27 -6.34
N TYR B 75 -19.39 -7.85 -5.30
CA TYR B 75 -20.29 -8.98 -5.50
C TYR B 75 -21.69 -8.53 -5.90
N VAL B 76 -22.39 -9.43 -6.57
CA VAL B 76 -23.78 -9.23 -6.90
C VAL B 76 -24.59 -10.44 -6.46
N SER B 77 -25.88 -10.25 -6.29
CA SER B 77 -26.74 -11.35 -5.88
CA SER B 77 -26.75 -11.34 -5.88
C SER B 77 -27.19 -12.13 -7.11
N ASP B 78 -26.29 -12.95 -7.64
CA ASP B 78 -26.61 -13.79 -8.78
C ASP B 78 -26.49 -15.29 -8.56
N ALA B 79 -26.85 -15.73 -7.36
CA ALA B 79 -26.86 -17.17 -7.07
C ALA B 79 -27.88 -17.88 -7.96
N LYS B 80 -27.51 -19.06 -8.44
CA LYS B 80 -28.37 -19.86 -9.34
CA LYS B 80 -28.37 -19.84 -9.33
C LYS B 80 -29.09 -20.98 -8.62
N TYR B 81 -28.35 -21.73 -7.80
CA TYR B 81 -28.87 -22.87 -7.05
C TYR B 81 -27.84 -23.33 -6.03
N VAL B 82 -28.28 -24.16 -5.09
CA VAL B 82 -27.38 -24.87 -4.19
C VAL B 82 -27.34 -26.34 -4.58
N VAL B 83 -26.17 -26.96 -4.47
CA VAL B 83 -26.01 -28.36 -4.87
C VAL B 83 -25.22 -29.13 -3.82
N ASN B 84 -25.65 -30.35 -3.55
CA ASN B 84 -24.87 -31.30 -2.81
C ASN B 84 -24.22 -32.20 -3.84
N ASN B 85 -22.93 -32.02 -4.06
CA ASN B 85 -22.25 -32.84 -5.08
C ASN B 85 -21.49 -34.05 -4.56
N GLY B 86 -21.74 -34.40 -3.30
CA GLY B 86 -21.11 -35.55 -2.68
C GLY B 86 -19.73 -35.26 -2.10
N HIS B 87 -19.17 -34.08 -2.43
CA HIS B 87 -17.90 -33.65 -1.87
C HIS B 87 -18.02 -32.41 -0.98
N THR B 88 -19.11 -31.65 -1.18
CA THR B 88 -19.35 -30.40 -0.44
C THR B 88 -20.79 -29.98 -0.68
N ILE B 89 -21.17 -28.87 -0.05
CA ILE B 89 -22.38 -28.12 -0.35
C ILE B 89 -21.89 -26.87 -1.04
N LYS B 90 -22.38 -26.63 -2.26
CA LYS B 90 -21.84 -25.58 -3.12
C LYS B 90 -22.97 -24.68 -3.61
N VAL B 91 -22.79 -23.37 -3.50
CA VAL B 91 -23.73 -22.43 -4.11
C VAL B 91 -23.13 -21.97 -5.43
N VAL B 92 -23.87 -22.17 -6.52
CA VAL B 92 -23.34 -21.83 -7.85
C VAL B 92 -23.87 -20.45 -8.22
N MET B 93 -22.96 -19.58 -8.65
CA MET B 93 -23.29 -18.19 -8.92
C MET B 93 -23.33 -17.95 -10.44
N GLY B 94 -23.91 -16.84 -10.84
CA GLY B 94 -23.95 -16.44 -12.25
C GLY B 94 -22.67 -15.85 -12.83
N GLY B 95 -21.69 -15.54 -11.98
CA GLY B 95 -20.37 -15.13 -12.47
C GLY B 95 -20.20 -13.65 -12.76
N ARG B 96 -21.13 -12.83 -12.31
CA ARG B 96 -21.09 -11.38 -12.58
CA ARG B 96 -21.06 -11.38 -12.60
C ARG B 96 -20.35 -10.60 -11.50
N GLY B 97 -20.38 -11.12 -10.28
CA GLY B 97 -19.67 -10.44 -9.18
C GLY B 97 -18.19 -10.75 -9.28
N TYR B 98 -17.34 -9.89 -8.72
CA TYR B 98 -15.87 -10.12 -8.79
C TYR B 98 -15.16 -9.53 -7.61
N VAL B 99 -13.94 -10.00 -7.39
CA VAL B 99 -12.99 -9.32 -6.51
C VAL B 99 -11.84 -8.81 -7.38
N VAL B 100 -11.11 -7.82 -6.88
CA VAL B 100 -9.93 -7.31 -7.61
C VAL B 100 -8.65 -7.75 -6.89
N VAL B 101 -7.80 -8.51 -7.60
CA VAL B 101 -6.53 -9.01 -7.07
C VAL B 101 -5.50 -8.77 -8.17
N ASP B 102 -4.34 -8.23 -7.80
CA ASP B 102 -3.29 -7.91 -8.77
C ASP B 102 -3.83 -7.03 -9.91
N GLY B 103 -4.76 -6.14 -9.57
CA GLY B 103 -5.38 -5.21 -10.53
C GLY B 103 -6.29 -5.82 -11.59
N LYS B 104 -6.66 -7.08 -11.40
N LYS B 104 -6.66 -7.08 -11.39
CA LYS B 104 -7.49 -7.83 -12.33
CA LYS B 104 -7.46 -7.87 -12.32
C LYS B 104 -8.78 -8.29 -11.68
C LYS B 104 -8.78 -8.27 -11.67
N ARG B 105 -9.82 -8.40 -12.48
CA ARG B 105 -11.11 -8.88 -11.99
C ARG B 105 -11.16 -10.39 -12.02
N PHE B 106 -11.42 -10.97 -10.86
CA PHE B 106 -11.66 -12.42 -10.77
C PHE B 106 -13.13 -12.61 -10.38
N TYR B 107 -13.88 -13.27 -11.25
CA TYR B 107 -15.31 -13.36 -11.09
C TYR B 107 -15.74 -14.51 -10.23
N LEU B 108 -16.70 -14.25 -9.33
CA LEU B 108 -17.21 -15.24 -8.38
C LEU B 108 -18.09 -16.27 -9.08
N LYS B 109 -17.60 -17.49 -9.15
CA LYS B 109 -18.30 -18.57 -9.84
CA LYS B 109 -18.28 -18.58 -9.85
C LYS B 109 -19.11 -19.45 -8.91
N GLN B 110 -18.59 -19.67 -7.71
CA GLN B 110 -19.26 -20.55 -6.75
C GLN B 110 -18.62 -20.37 -5.39
N PHE B 111 -19.33 -20.77 -4.33
CA PHE B 111 -18.67 -20.89 -3.03
C PHE B 111 -19.12 -22.18 -2.40
N HIS B 112 -18.28 -22.76 -1.55
CA HIS B 112 -18.60 -24.05 -0.95
C HIS B 112 -17.88 -24.15 0.40
N PHE B 113 -18.05 -25.29 1.07
CA PHE B 113 -17.69 -25.41 2.50
C PHE B 113 -16.95 -26.67 2.86
N HIS B 114 -16.08 -26.55 3.88
CA HIS B 114 -15.34 -27.70 4.40
C HIS B 114 -15.46 -27.69 5.90
N ALA B 115 -15.53 -28.89 6.45
CA ALA B 115 -15.40 -29.09 7.90
C ALA B 115 -14.62 -30.36 8.16
N PRO B 116 -13.59 -30.31 9.06
CA PRO B 116 -13.02 -29.12 9.68
CA PRO B 116 -13.03 -29.12 9.68
C PRO B 116 -12.38 -28.21 8.64
N SER B 117 -11.81 -27.09 9.09
CA SER B 117 -11.11 -26.21 8.16
C SER B 117 -10.01 -26.96 7.44
N GLU B 118 -9.74 -26.53 6.22
CA GLU B 118 -8.62 -27.05 5.43
C GLU B 118 -7.32 -26.39 5.85
N HIS B 119 -7.32 -25.06 5.91
CA HIS B 119 -6.15 -24.35 6.42
C HIS B 119 -6.14 -24.43 7.94
N THR B 120 -4.94 -24.37 8.48
CA THR B 120 -4.77 -24.26 9.95
C THR B 120 -3.97 -23.00 10.21
N VAL B 121 -4.12 -22.45 11.42
CA VAL B 121 -3.35 -21.25 11.81
C VAL B 121 -2.64 -21.62 13.08
N ASN B 122 -1.31 -21.48 13.06
CA ASN B 122 -0.51 -21.88 14.22
C ASN B 122 -0.84 -23.26 14.73
N GLY B 123 -1.01 -24.17 13.77
CA GLY B 123 -1.23 -25.59 14.01
C GLY B 123 -2.64 -25.99 14.42
N LYS B 124 -3.56 -25.01 14.50
CA LYS B 124 -4.94 -25.30 14.92
CA LYS B 124 -4.94 -25.23 14.95
C LYS B 124 -5.96 -25.12 13.80
N HIS B 125 -6.92 -26.05 13.75
CA HIS B 125 -8.04 -25.98 12.83
C HIS B 125 -9.11 -25.07 13.40
N TYR B 126 -9.90 -24.48 12.49
CA TYR B 126 -11.23 -23.98 12.81
C TYR B 126 -12.24 -25.10 12.48
N PRO B 127 -13.45 -25.03 13.04
CA PRO B 127 -14.32 -26.17 12.75
C PRO B 127 -14.93 -26.13 11.34
N PHE B 128 -14.77 -25.02 10.63
CA PHE B 128 -15.47 -24.85 9.35
C PHE B 128 -14.76 -23.76 8.53
N GLU B 129 -14.75 -23.92 7.22
CA GLU B 129 -14.10 -22.99 6.32
C GLU B 129 -14.92 -22.88 5.03
N ALA B 130 -15.16 -21.65 4.61
CA ALA B 130 -15.81 -21.37 3.34
C ALA B 130 -14.79 -20.96 2.29
N HIS B 131 -15.02 -21.39 1.05
CA HIS B 131 -14.18 -21.02 -0.07
C HIS B 131 -14.98 -20.35 -1.14
N PHE B 132 -14.57 -19.14 -1.52
CA PHE B 132 -15.22 -18.39 -2.60
C PHE B 132 -14.27 -18.47 -3.79
N VAL B 133 -14.74 -19.11 -4.85
CA VAL B 133 -13.89 -19.45 -6.00
C VAL B 133 -14.15 -18.53 -7.17
N HIS B 134 -13.07 -17.91 -7.64
CA HIS B 134 -13.19 -16.89 -8.67
C HIS B 134 -12.31 -17.22 -9.84
N LEU B 135 -12.74 -16.77 -11.01
CA LEU B 135 -12.04 -17.04 -12.25
C LEU B 135 -11.87 -15.74 -12.99
N ASP B 136 -10.63 -15.39 -13.34
CA ASP B 136 -10.46 -14.25 -14.27
C ASP B 136 -10.77 -14.64 -15.72
N LYS B 137 -10.75 -13.66 -16.63
CA LYS B 137 -11.11 -13.97 -18.03
C LYS B 137 -10.06 -14.81 -18.73
N ASN B 138 -8.86 -14.84 -18.15
CA ASN B 138 -7.76 -15.63 -18.72
C ASN B 138 -7.67 -17.03 -18.14
N GLY B 139 -8.59 -17.38 -17.24
CA GLY B 139 -8.67 -18.73 -16.72
C GLY B 139 -7.95 -19.00 -15.39
N ASN B 140 -7.41 -17.94 -14.77
CA ASN B 140 -6.71 -18.05 -13.49
C ASN B 140 -7.67 -18.01 -12.33
N ILE B 141 -7.37 -18.82 -11.33
CA ILE B 141 -8.25 -18.96 -10.17
CA ILE B 141 -8.23 -19.01 -10.16
C ILE B 141 -7.72 -18.24 -8.95
N THR B 142 -8.62 -17.53 -8.24
CA THR B 142 -8.36 -16.97 -6.93
C THR B 142 -9.42 -17.51 -5.99
N VAL B 143 -8.98 -18.02 -4.84
CA VAL B 143 -9.89 -18.50 -3.82
C VAL B 143 -9.75 -17.61 -2.59
N LEU B 144 -10.89 -17.12 -2.11
CA LEU B 144 -10.94 -16.42 -0.83
C LEU B 144 -11.42 -17.41 0.21
N GLY B 145 -10.68 -17.52 1.31
CA GLY B 145 -11.02 -18.46 2.40
C GLY B 145 -11.50 -17.68 3.60
N VAL B 146 -12.57 -18.17 4.23
CA VAL B 146 -13.15 -17.54 5.43
C VAL B 146 -13.28 -18.64 6.47
N PHE B 147 -12.66 -18.43 7.64
CA PHE B 147 -12.79 -19.33 8.77
C PHE B 147 -14.06 -19.04 9.56
N PHE B 148 -14.68 -20.09 10.08
CA PHE B 148 -15.82 -19.93 11.00
C PHE B 148 -15.50 -20.56 12.35
N LYS B 149 -15.92 -19.86 13.39
CA LYS B 149 -15.96 -20.42 14.73
CA LYS B 149 -15.96 -20.36 14.76
C LYS B 149 -17.41 -20.57 15.20
N VAL B 150 -17.59 -21.39 16.24
CA VAL B 150 -18.93 -21.62 16.81
C VAL B 150 -19.30 -20.44 17.71
N GLY B 151 -20.46 -19.89 17.45
CA GLY B 151 -20.99 -18.77 18.22
C GLY B 151 -22.42 -18.54 17.79
N LYS B 152 -22.72 -17.31 17.37
CA LYS B 152 -24.08 -16.99 16.95
CA LYS B 152 -24.06 -16.92 16.92
C LYS B 152 -24.44 -17.50 15.57
N GLU B 153 -25.72 -17.84 15.41
CA GLU B 153 -26.27 -18.27 14.14
CA GLU B 153 -26.25 -18.28 14.14
C GLU B 153 -25.92 -17.24 13.07
N ASN B 154 -25.43 -17.73 11.93
CA ASN B 154 -25.07 -16.87 10.82
C ASN B 154 -26.28 -16.67 9.88
N PRO B 155 -26.79 -15.44 9.82
CA PRO B 155 -28.00 -15.15 9.03
C PRO B 155 -27.86 -15.43 7.54
N GLU B 156 -26.69 -15.12 6.97
CA GLU B 156 -26.55 -15.31 5.53
C GLU B 156 -26.39 -16.80 5.25
N LEU B 157 -25.66 -17.49 6.12
CA LEU B 157 -25.50 -18.93 5.94
C LEU B 157 -26.86 -19.64 6.06
N GLU B 158 -27.72 -19.12 6.94
CA GLU B 158 -29.00 -19.78 7.17
C GLU B 158 -29.88 -19.78 5.92
N LYS B 159 -29.73 -18.77 5.07
CA LYS B 159 -30.45 -18.75 3.78
C LYS B 159 -30.14 -19.98 2.93
N VAL B 160 -28.87 -20.40 2.98
CA VAL B 160 -28.44 -21.59 2.23
C VAL B 160 -28.83 -22.85 2.98
N TRP B 161 -28.59 -22.84 4.29
CA TRP B 161 -28.78 -24.02 5.12
C TRP B 161 -30.24 -24.48 5.12
N ARG B 162 -31.17 -23.52 5.08
CA ARG B 162 -32.62 -23.81 5.06
CA ARG B 162 -32.59 -23.90 5.13
C ARG B 162 -33.05 -24.68 3.90
N VAL B 163 -32.31 -24.58 2.80
CA VAL B 163 -32.59 -25.33 1.59
C VAL B 163 -31.45 -26.29 1.20
N MET B 164 -30.62 -26.67 2.17
CA MET B 164 -29.49 -27.55 1.90
C MET B 164 -29.94 -28.90 1.33
N PRO B 165 -29.43 -29.26 0.14
CA PRO B 165 -29.80 -30.57 -0.41
C PRO B 165 -29.20 -31.66 0.44
N GLU B 166 -30.00 -32.64 0.82
CA GLU B 166 -29.57 -33.59 1.83
C GLU B 166 -29.01 -34.88 1.27
N GLU B 167 -29.04 -35.02 -0.07
CA GLU B 167 -28.45 -36.17 -0.73
CA GLU B 167 -28.44 -36.16 -0.73
C GLU B 167 -27.53 -35.74 -1.88
N PRO B 168 -26.41 -36.49 -2.08
CA PRO B 168 -25.51 -36.14 -3.19
C PRO B 168 -26.21 -36.27 -4.54
N GLY B 169 -25.87 -35.36 -5.45
CA GLY B 169 -26.51 -35.33 -6.76
C GLY B 169 -27.77 -34.48 -6.85
N GLN B 170 -28.16 -33.88 -5.73
CA GLN B 170 -29.39 -33.10 -5.67
C GLN B 170 -29.10 -31.61 -5.63
N LYS B 171 -29.83 -30.85 -6.43
CA LYS B 171 -29.78 -29.39 -6.37
CA LYS B 171 -29.77 -29.39 -6.36
C LYS B 171 -31.11 -28.79 -5.95
N ARG B 172 -31.07 -27.60 -5.37
CA ARG B 172 -32.28 -26.94 -4.88
C ARG B 172 -32.26 -25.47 -5.18
N HIS B 173 -33.46 -24.93 -5.39
CA HIS B 173 -33.65 -23.50 -5.57
C HIS B 173 -33.41 -22.78 -4.27
N LEU B 174 -32.77 -21.63 -4.36
CA LEU B 174 -32.63 -20.75 -3.22
C LEU B 174 -33.91 -19.95 -3.05
N THR B 175 -34.46 -19.94 -1.85
CA THR B 175 -35.73 -19.26 -1.58
C THR B 175 -35.53 -17.84 -1.05
N ALA B 176 -34.29 -17.50 -0.72
CA ALA B 176 -33.97 -16.15 -0.27
C ALA B 176 -32.83 -15.63 -1.15
N ARG B 177 -32.76 -14.31 -1.29
CA ARG B 177 -31.69 -13.67 -2.07
CA ARG B 177 -31.69 -13.66 -2.06
C ARG B 177 -30.36 -13.81 -1.33
N ILE B 178 -29.39 -14.42 -1.99
CA ILE B 178 -28.06 -14.62 -1.40
C ILE B 178 -27.21 -13.39 -1.63
N ASP B 179 -26.65 -12.83 -0.56
CA ASP B 179 -25.70 -11.74 -0.65
CA ASP B 179 -25.68 -11.74 -0.66
C ASP B 179 -24.32 -12.24 -0.18
N PRO B 180 -23.49 -12.75 -1.11
CA PRO B 180 -22.27 -13.41 -0.66
C PRO B 180 -21.32 -12.57 0.19
N GLU B 181 -21.29 -11.25 -0.02
CA GLU B 181 -20.36 -10.42 0.75
CA GLU B 181 -20.40 -10.36 0.75
C GLU B 181 -20.68 -10.44 2.25
N LYS B 182 -21.94 -10.71 2.58
CA LYS B 182 -22.35 -10.80 4.00
C LYS B 182 -21.75 -11.98 4.74
N LEU B 183 -21.18 -12.94 4.02
CA LEU B 183 -20.45 -14.03 4.67
C LEU B 183 -18.99 -13.68 5.03
N LEU B 184 -18.43 -12.65 4.41
CA LEU B 184 -17.04 -12.28 4.67
C LEU B 184 -16.93 -11.56 6.01
N PRO B 185 -15.78 -11.66 6.68
CA PRO B 185 -15.59 -10.89 7.88
C PRO B 185 -15.57 -9.41 7.61
N GLU B 186 -15.93 -8.63 8.64
CA GLU B 186 -15.86 -7.18 8.54
CA GLU B 186 -15.86 -7.18 8.53
C GLU B 186 -14.42 -6.68 8.35
N ASN B 187 -13.49 -7.23 9.13
CA ASN B 187 -12.09 -6.90 8.97
C ASN B 187 -11.58 -7.70 7.78
N ARG B 188 -10.95 -7.03 6.82
CA ARG B 188 -10.56 -7.68 5.57
C ARG B 188 -9.03 -7.95 5.46
N ASP B 189 -8.32 -7.93 6.60
CA ASP B 189 -6.90 -8.29 6.64
CA ASP B 189 -6.91 -8.29 6.67
C ASP B 189 -6.79 -9.75 6.22
N TYR B 190 -5.74 -10.07 5.47
CA TYR B 190 -5.62 -11.47 4.95
C TYR B 190 -4.19 -11.96 4.87
N TYR B 191 -4.06 -13.28 4.81
CA TYR B 191 -2.84 -13.97 4.44
C TYR B 191 -2.93 -14.27 2.97
N ARG B 192 -1.82 -14.15 2.26
CA ARG B 192 -1.78 -14.53 0.84
C ARG B 192 -0.61 -15.46 0.57
N TYR B 193 -0.87 -16.47 -0.29
CA TYR B 193 0.21 -17.33 -0.73
C TYR B 193 -0.20 -17.94 -2.08
N SER B 194 0.78 -18.54 -2.75
CA SER B 194 0.59 -19.19 -4.05
CA SER B 194 0.49 -19.17 -4.02
C SER B 194 0.38 -20.67 -3.80
N GLY B 195 -0.73 -21.23 -4.26
CA GLY B 195 -1.00 -22.64 -3.96
C GLY B 195 -1.74 -23.35 -5.06
N SER B 196 -2.69 -24.19 -4.67
CA SER B 196 -3.33 -25.09 -5.60
C SER B 196 -4.81 -25.23 -5.24
N LEU B 197 -5.55 -25.92 -6.11
CA LEU B 197 -6.87 -26.39 -5.70
C LEU B 197 -6.68 -27.41 -4.58
N THR B 198 -7.65 -27.49 -3.66
CA THR B 198 -7.51 -28.47 -2.59
C THR B 198 -8.21 -29.77 -2.93
N THR B 199 -8.84 -29.84 -4.11
CA THR B 199 -9.43 -31.09 -4.57
C THR B 199 -8.81 -31.44 -5.92
N PRO B 200 -8.80 -32.75 -6.30
CA PRO B 200 -8.24 -33.12 -7.59
C PRO B 200 -8.89 -32.31 -8.71
N PRO B 201 -8.09 -31.84 -9.68
CA PRO B 201 -6.71 -32.21 -9.94
C PRO B 201 -5.59 -31.49 -9.15
N CYS B 202 -5.95 -30.70 -8.15
CA CYS B 202 -4.90 -30.11 -7.32
CA CYS B 202 -4.98 -29.97 -7.33
C CYS B 202 -4.01 -29.16 -8.15
N SER B 203 -4.56 -28.53 -9.18
CA SER B 203 -3.81 -27.67 -10.11
CA SER B 203 -3.74 -27.72 -10.08
C SER B 203 -3.16 -26.51 -9.35
N GLU B 204 -1.93 -26.18 -9.74
CA GLU B 204 -1.21 -25.06 -9.13
C GLU B 204 -1.42 -23.76 -9.91
N GLY B 205 -0.76 -22.70 -9.44
CA GLY B 205 -1.00 -21.37 -9.96
C GLY B 205 -2.29 -20.71 -9.43
N VAL B 206 -2.74 -21.14 -8.25
CA VAL B 206 -3.96 -20.61 -7.65
C VAL B 206 -3.56 -19.55 -6.62
N ARG B 207 -4.21 -18.39 -6.69
CA ARG B 207 -4.01 -17.35 -5.69
C ARG B 207 -4.90 -17.63 -4.49
N TRP B 208 -4.30 -17.69 -3.30
CA TRP B 208 -5.08 -17.86 -2.06
C TRP B 208 -5.07 -16.59 -1.21
N ILE B 209 -6.27 -16.16 -0.86
CA ILE B 209 -6.50 -14.99 0.02
C ILE B 209 -7.27 -15.57 1.20
N VAL B 210 -6.62 -15.68 2.35
CA VAL B 210 -7.23 -16.29 3.52
C VAL B 210 -7.46 -15.21 4.57
N PHE B 211 -8.73 -14.91 4.87
CA PHE B 211 -8.98 -13.80 5.82
C PHE B 211 -8.56 -14.22 7.23
N LYS B 212 -7.94 -13.30 7.94
CA LYS B 212 -7.43 -13.60 9.29
C LYS B 212 -8.52 -13.71 10.33
N GLU B 213 -9.57 -12.89 10.20
CA GLU B 213 -10.63 -12.83 11.20
CA GLU B 213 -10.63 -12.81 11.18
C GLU B 213 -11.72 -13.85 10.86
N PRO B 214 -12.05 -14.72 11.83
CA PRO B 214 -13.16 -15.64 11.58
C PRO B 214 -14.53 -14.97 11.71
N VAL B 215 -15.52 -15.64 11.18
CA VAL B 215 -16.92 -15.28 11.37
C VAL B 215 -17.55 -16.38 12.20
N GLU B 216 -18.82 -16.21 12.54
CA GLU B 216 -19.49 -17.14 13.46
CA GLU B 216 -19.52 -17.09 13.48
C GLU B 216 -20.58 -17.93 12.79
N MET B 217 -20.79 -19.16 13.27
CA MET B 217 -21.96 -19.93 12.92
C MET B 217 -22.44 -20.61 14.20
N SER B 218 -23.71 -20.99 14.25
CA SER B 218 -24.16 -21.68 15.46
C SER B 218 -23.76 -23.15 15.43
N ARG B 219 -23.75 -23.76 16.62
CA ARG B 219 -23.44 -25.18 16.73
C ARG B 219 -24.43 -25.98 15.91
N GLU B 220 -25.71 -25.57 15.90
CA GLU B 220 -26.73 -26.25 15.10
CA GLU B 220 -26.72 -26.26 15.11
C GLU B 220 -26.38 -26.22 13.61
N GLN B 221 -25.92 -25.07 13.13
CA GLN B 221 -25.52 -24.94 11.72
C GLN B 221 -24.35 -25.85 11.40
N LEU B 222 -23.38 -25.87 12.31
CA LEU B 222 -22.25 -26.78 12.13
C LEU B 222 -22.71 -28.24 12.08
N GLU B 223 -23.56 -28.62 13.05
CA GLU B 223 -23.96 -30.02 13.09
C GLU B 223 -24.84 -30.41 11.90
N LYS B 224 -25.64 -29.49 11.39
CA LYS B 224 -26.41 -29.79 10.17
C LYS B 224 -25.47 -30.16 9.02
N PHE B 225 -24.40 -29.36 8.87
CA PHE B 225 -23.43 -29.64 7.80
C PHE B 225 -22.74 -30.98 8.01
N ARG B 226 -22.31 -31.24 9.24
CA ARG B 226 -21.65 -32.49 9.55
C ARG B 226 -22.54 -33.69 9.27
N LYS B 227 -23.82 -33.61 9.68
CA LYS B 227 -24.79 -34.68 9.50
CA LYS B 227 -24.78 -34.69 9.50
C LYS B 227 -25.09 -34.93 8.03
N VAL B 228 -25.30 -33.86 7.28
CA VAL B 228 -25.61 -33.98 5.84
C VAL B 228 -24.43 -34.56 5.09
N MET B 229 -23.23 -34.03 5.35
CA MET B 229 -22.04 -34.53 4.67
CA MET B 229 -21.99 -34.51 4.70
C MET B 229 -21.74 -35.98 5.00
N GLY B 230 -21.77 -36.31 6.30
CA GLY B 230 -21.48 -37.67 6.76
C GLY B 230 -20.02 -38.04 6.94
N PHE B 231 -19.12 -37.12 6.60
CA PHE B 231 -17.69 -37.34 6.75
C PHE B 231 -16.99 -35.98 6.68
N ASP B 232 -15.76 -35.94 7.20
CA ASP B 232 -14.93 -34.74 7.10
C ASP B 232 -14.43 -34.60 5.67
N ASN B 233 -14.39 -33.37 5.20
CA ASN B 233 -14.05 -33.13 3.79
C ASN B 233 -12.93 -32.13 3.61
N ASN B 234 -11.92 -32.22 4.48
CA ASN B 234 -10.72 -31.40 4.37
C ASN B 234 -9.54 -32.22 3.90
N ARG B 235 -8.81 -31.68 2.92
CA ARG B 235 -7.53 -32.27 2.54
C ARG B 235 -6.47 -31.97 3.63
N PRO B 236 -5.63 -32.94 3.95
CA PRO B 236 -4.52 -32.68 4.90
C PRO B 236 -3.63 -31.51 4.46
N VAL B 237 -3.11 -30.76 5.44
CA VAL B 237 -2.17 -29.67 5.10
C VAL B 237 -0.89 -30.19 4.41
N GLN B 238 -0.37 -29.37 3.51
CA GLN B 238 0.77 -29.69 2.63
C GLN B 238 1.94 -28.82 3.00
N PRO B 239 3.18 -29.30 2.74
CA PRO B 239 4.42 -28.59 3.10
C PRO B 239 4.53 -27.26 2.38
N LEU B 240 4.95 -26.24 3.12
CA LEU B 240 5.14 -24.92 2.56
CA LEU B 240 5.14 -24.92 2.54
C LEU B 240 6.24 -24.94 1.50
N ASN B 241 7.27 -25.77 1.72
CA ASN B 241 8.43 -25.84 0.82
C ASN B 241 9.13 -24.49 0.70
N ALA B 242 9.27 -23.92 -0.51
CA ALA B 242 9.97 -22.65 -0.68
C ALA B 242 9.14 -21.42 -0.38
N ARG B 243 7.85 -21.61 -0.14
CA ARG B 243 6.94 -20.47 -0.07
C ARG B 243 7.04 -19.70 1.22
N LYS B 244 6.77 -18.40 1.12
CA LYS B 244 6.41 -17.58 2.26
C LYS B 244 4.94 -17.22 2.17
N VAL B 245 4.27 -17.16 3.31
CA VAL B 245 2.93 -16.61 3.37
C VAL B 245 3.11 -15.14 3.73
N MET B 246 2.41 -14.26 3.01
CA MET B 246 2.46 -12.83 3.35
CA MET B 246 2.45 -12.83 3.31
C MET B 246 1.30 -12.48 4.25
N LYS B 247 1.52 -11.52 5.15
CA LYS B 247 0.48 -11.12 6.12
C LYS B 247 0.46 -9.60 6.30
ZN ZN C . 13.70 25.14 1.61
C1 SAN D . 8.77 28.18 4.76
N1 SAN D . 7.92 29.18 5.05
C2 SAN D . 9.99 28.10 5.41
C3 SAN D . 10.89 27.07 5.10
C4 SAN D . 10.57 26.12 4.14
C5 SAN D . 9.33 26.22 3.48
C6 SAN D . 8.43 27.24 3.79
S SAN D . 11.60 24.93 3.78
N2 SAN D . 13.01 25.61 3.49
O1 SAN D . 11.16 24.27 2.59
O2 SAN D . 11.72 24.05 4.91
C1 PG6 E . -16.03 17.28 -9.05
O1 PG6 E . -15.26 16.82 -7.94
C2 PG6 E . -14.60 17.89 -7.26
C3 PG6 E . -13.13 17.52 -7.03
O2 PG6 E . -12.31 18.05 -8.09
C4 PG6 E . -12.06 17.09 -9.11
C5 PG6 E . -10.60 16.66 -9.12
O3 PG6 E . -10.50 15.24 -9.28
C6 PG6 E . -9.15 14.79 -9.29
C7 PG6 E . -8.95 13.71 -8.23
O4 PG6 E . -8.29 14.26 -7.09
C8 PG6 E . -8.44 13.43 -5.94
C9 PG6 E . -8.03 14.23 -4.72
O5 PG6 E . -8.49 13.60 -3.52
C10 PG6 E . -8.62 14.52 -2.44
C11 PG6 E . -10.08 14.93 -2.28
O6 PG6 E . -10.27 15.58 -1.02
C12 PG6 E . -11.33 16.53 -1.07
C1 PG6 F . 20.43 19.01 23.56
O1 PG6 F . 19.74 20.07 22.90
C2 PG6 F . 19.68 21.27 23.67
C3 PG6 F . 18.47 22.09 23.20
O2 PG6 F . 17.81 22.67 24.33
C4 PG6 F . 16.57 22.05 24.63
C5 PG6 F . 15.85 22.95 25.64
O3 PG6 F . 16.05 22.47 26.97
C6 PG6 F . 15.79 23.47 27.95
C7 PG6 F . 14.38 23.32 28.53
O4 PG6 F . 13.70 24.56 28.44
C8 PG6 F . 12.29 24.45 28.55
C9 PG6 F . 11.62 25.55 27.71
O5 PG6 F . 12.32 26.78 27.90
C10 PG6 F . 11.71 27.88 27.22
C11 PG6 F . 11.44 29.02 28.20
O6 PG6 F . 12.56 29.89 28.25
C12 PG6 F . 12.36 30.94 29.21
O1 PG4 G . -8.26 26.38 10.31
C1 PG4 G . -8.53 26.79 11.66
C2 PG4 G . -7.44 26.25 12.58
O2 PG4 G . -7.54 24.83 12.77
C3 PG4 G . -6.44 24.11 12.19
C4 PG4 G . -5.26 24.01 13.15
O3 PG4 G . -4.13 23.48 12.46
C5 PG4 G . -2.97 24.30 12.65
C6 PG4 G . -2.18 24.42 11.34
O4 PG4 G . -1.14 25.40 11.48
C7 PG4 G . -1.50 26.67 10.92
C8 PG4 G . -1.47 27.75 11.99
O5 PG4 G . -2.72 28.46 12.01
C1 PGE H . 26.20 11.47 -5.88
O1 PGE H . 25.47 11.41 -7.11
C2 PGE H . 25.31 12.16 -4.84
O2 PGE H . 25.62 11.72 -3.54
C3 PGE H . 24.64 12.15 -2.60
C4 PGE H . 24.07 10.96 -1.85
O4 PGE H . 23.18 6.92 -2.86
C6 PGE H . 22.94 8.17 -2.21
C5 PGE H . 24.22 8.63 -1.52
O3 PGE H . 24.76 9.76 -2.20
C1 PG6 I . 5.61 43.53 -0.85
O1 PG6 I . 6.93 43.99 -1.16
C2 PG6 I . 7.01 44.55 -2.47
C3 PG6 I . 8.44 44.44 -2.99
O2 PG6 I . 8.89 43.09 -2.83
C4 PG6 I . 9.97 42.78 -3.73
C5 PG6 I . 10.49 41.38 -3.37
O3 PG6 I . 11.07 41.39 -2.06
C6 PG6 I . 11.61 40.11 -1.70
C7 PG6 I . 12.10 40.19 -0.27
O4 PG6 I . 13.46 40.64 -0.26
C8 PG6 I . 14.05 40.69 1.02
C9 PG6 I . 15.46 41.24 0.88
O5 PG6 I . 15.39 42.58 0.39
C10 PG6 I . 16.69 43.15 0.22
C11 PG6 I . 16.55 44.62 -0.14
O6 PG6 I . 15.80 45.29 0.86
C12 PG6 I . 15.41 46.61 0.46
ZN ZN J . -12.69 -25.72 -1.12
C1 SAN K . -12.05 -26.04 -7.82
N1 SAN K . -12.41 -26.28 -9.10
C2 SAN K . -12.14 -24.77 -7.29
C3 SAN K . -11.75 -24.53 -5.97
C4 SAN K . -11.28 -25.57 -5.18
C5 SAN K . -11.17 -26.84 -5.72
C6 SAN K . -11.57 -27.07 -7.03
S SAN K . -10.85 -25.26 -3.66
N2 SAN K . -11.48 -26.35 -2.67
O1 SAN K . -11.37 -23.96 -3.38
O2 SAN K . -9.42 -25.32 -3.54
C1 PG6 L . -16.87 -1.32 -15.29
O1 PG6 L . -16.68 -0.31 -14.29
C2 PG6 L . -15.46 0.40 -14.44
C3 PG6 L . -14.96 0.92 -13.10
O2 PG6 L . -15.00 -0.13 -12.12
C4 PG6 L . -14.22 0.16 -10.97
C5 PG6 L . -13.86 -1.13 -10.25
O3 PG6 L . -12.44 -1.31 -10.27
C6 PG6 L . -12.04 -2.53 -10.89
C7 PG6 L . -10.75 -2.34 -11.67
O4 PG6 L . -10.49 -3.49 -12.47
C8 PG6 L . -9.93 -3.17 -13.74
C9 PG6 L . -10.36 -4.20 -14.77
O5 PG6 L . -10.68 -3.56 -16.00
C10 PG6 L . -12.03 -3.77 -16.42
C11 PG6 L . -12.57 -2.49 -17.03
O6 PG6 L . -12.61 -1.45 -16.04
C12 PG6 L . -12.04 -0.23 -16.50
C1 PGE M . -31.06 -24.88 -11.80
O1 PGE M . -31.44 -25.80 -12.83
C2 PGE M . -32.08 -24.90 -10.66
O2 PGE M . -32.16 -26.21 -10.11
C3 PGE M . -33.30 -26.35 -9.27
C4 PGE M . -33.33 -27.76 -8.67
O4 PGE M . -32.70 -31.04 -10.53
C6 PGE M . -34.02 -30.69 -10.12
C5 PGE M . -34.23 -29.19 -10.35
O3 PGE M . -34.46 -28.51 -9.12
CL CL N . -0.31 -7.13 -3.08
#